data_7SOU
#
_entry.id   7SOU
#
_cell.length_a   36.873
_cell.length_b   46.260
_cell.length_c   58.918
_cell.angle_alpha   90.000
_cell.angle_beta   90.000
_cell.angle_gamma   90.000
#
_symmetry.space_group_name_H-M   'P 21 21 21'
#
loop_
_entity.id
_entity.type
_entity.pdbx_description
1 polymer 'Isoform 2 of La-related protein 1'
2 polymer "RNA (5'-R(P*AP*AP*AP*AP*AP*A)-3')"
3 water water
#
loop_
_entity_poly.entity_id
_entity_poly.type
_entity_poly.pdbx_seq_one_letter_code
_entity_poly.pdbx_strand_id
1 'polypeptide(L)'
;MGSSHHHHHHSQELLKDYIKRQIEYYFSVDNLERDFFLRRKMDADGFLPITLIASFHRVQALTTDISLIFAALKDSKVVE
IVDEKVRRREEPEKWPLPP
;
A
2 'polyribonucleotide' AAAAAA B
#
loop_
_chem_comp.id
_chem_comp.type
_chem_comp.name
_chem_comp.formula
A RNA linking ADENOSINE-5'-MONOPHOSPHATE 'C10 H14 N5 O7 P'
#
# COMPACT_ATOMS: atom_id res chain seq x y z
N SER A 11 4.98 22.61 -4.39
CA SER A 11 4.40 21.47 -5.12
C SER A 11 4.76 20.09 -4.57
N GLN A 12 3.78 19.22 -4.68
CA GLN A 12 3.92 17.86 -4.23
C GLN A 12 3.43 16.89 -5.29
N GLU A 13 3.19 17.36 -6.51
CA GLU A 13 2.64 16.47 -7.53
C GLU A 13 3.61 15.38 -7.93
N LEU A 14 4.86 15.74 -8.19
CA LEU A 14 5.82 14.72 -8.56
C LEU A 14 6.07 13.79 -7.40
N LEU A 15 6.18 14.36 -6.17
CA LEU A 15 6.39 13.50 -5.02
C LEU A 15 5.26 12.48 -4.90
N LYS A 16 3.99 12.93 -5.12
CA LYS A 16 2.86 12.03 -5.03
C LYS A 16 2.97 10.91 -6.04
N ASP A 17 3.48 11.22 -7.25
CA ASP A 17 3.67 10.15 -8.24
C ASP A 17 4.71 9.13 -7.79
N TYR A 18 5.85 9.58 -7.24
CA TYR A 18 6.82 8.61 -6.74
C TYR A 18 6.23 7.73 -5.63
N ILE A 19 5.43 8.32 -4.72
CA ILE A 19 4.83 7.54 -3.63
C ILE A 19 3.83 6.54 -4.18
N LYS A 20 3.00 6.97 -5.15
CA LYS A 20 2.03 6.08 -5.76
C LYS A 20 2.72 4.87 -6.37
N ARG A 21 3.78 5.11 -7.18
CA ARG A 21 4.41 3.97 -7.84
C ARG A 21 5.12 3.07 -6.86
N GLN A 22 5.68 3.63 -5.77
CA GLN A 22 6.31 2.77 -4.77
C GLN A 22 5.28 1.87 -4.10
N ILE A 23 4.12 2.40 -3.74
CA ILE A 23 3.16 1.58 -3.02
C ILE A 23 2.54 0.60 -4.00
N GLU A 24 2.32 1.03 -5.25
CA GLU A 24 1.80 0.07 -6.23
C GLU A 24 2.78 -1.11 -6.41
N TYR A 25 4.11 -0.89 -6.29
CA TYR A 25 5.02 -2.04 -6.30
C TYR A 25 4.73 -3.01 -5.15
N TYR A 26 4.55 -2.52 -3.93
CA TYR A 26 4.30 -3.45 -2.84
C TYR A 26 3.08 -4.32 -3.12
N PHE A 27 2.06 -3.75 -3.78
CA PHE A 27 0.83 -4.51 -4.06
C PHE A 27 0.85 -5.19 -5.42
N SER A 28 2.00 -5.27 -6.09
CA SER A 28 2.09 -6.02 -7.34
C SER A 28 2.17 -7.52 -7.04
N VAL A 29 1.74 -8.33 -8.01
CA VAL A 29 1.78 -9.79 -7.86
C VAL A 29 3.20 -10.27 -7.66
N ASP A 30 4.15 -9.72 -8.43
CA ASP A 30 5.54 -10.05 -8.27
C ASP A 30 6.01 -9.90 -6.83
N ASN A 31 5.71 -8.76 -6.21
CA ASN A 31 6.13 -8.59 -4.82
C ASN A 31 5.36 -9.50 -3.89
N LEU A 32 4.02 -9.57 -4.06
CA LEU A 32 3.17 -10.32 -3.11
C LEU A 32 3.54 -11.79 -3.06
N GLU A 33 4.08 -12.35 -4.15
CA GLU A 33 4.45 -13.77 -4.13
C GLU A 33 5.60 -14.05 -3.17
N ARG A 34 6.41 -13.05 -2.80
CA ARG A 34 7.47 -13.26 -1.83
C ARG A 34 7.33 -12.45 -0.55
N ASP A 35 6.33 -11.57 -0.46
CA ASP A 35 6.29 -10.62 0.67
C ASP A 35 5.44 -11.20 1.78
N PHE A 36 6.05 -12.14 2.52
CA PHE A 36 5.28 -12.84 3.55
C PHE A 36 4.99 -11.93 4.74
N PHE A 37 5.87 -10.94 5.02
CA PHE A 37 5.58 -9.99 6.10
C PHE A 37 4.30 -9.21 5.79
N LEU A 38 4.20 -8.63 4.59
CA LEU A 38 3.04 -7.80 4.30
C LEU A 38 1.78 -8.63 4.39
N ARG A 39 1.84 -9.86 3.88
CA ARG A 39 0.66 -10.72 3.84
C ARG A 39 0.18 -11.14 5.22
N ARG A 40 1.10 -11.36 6.18
CA ARG A 40 0.70 -11.64 7.55
C ARG A 40 0.11 -10.42 8.28
N LYS A 41 0.27 -9.21 7.77
CA LYS A 41 -0.30 -8.02 8.37
C LYS A 41 -1.65 -7.68 7.76
N MET A 42 -2.10 -8.46 6.76
CA MET A 42 -3.39 -8.25 6.16
C MET A 42 -4.48 -8.81 7.07
N ASP A 43 -5.64 -8.17 7.04
CA ASP A 43 -6.85 -8.81 7.56
C ASP A 43 -7.37 -9.84 6.55
N ALA A 44 -8.38 -10.63 6.93
CA ALA A 44 -8.80 -11.67 6.00
C ALA A 44 -9.37 -11.12 4.72
N ASP A 45 -9.69 -9.82 4.66
CA ASP A 45 -10.16 -9.25 3.41
C ASP A 45 -9.04 -8.60 2.59
N GLY A 46 -7.78 -8.76 3.00
CA GLY A 46 -6.68 -8.15 2.27
C GLY A 46 -6.24 -6.77 2.77
N PHE A 47 -6.96 -6.13 3.68
CA PHE A 47 -6.65 -4.74 4.05
C PHE A 47 -5.47 -4.68 4.99
N LEU A 48 -4.64 -3.65 4.81
CA LEU A 48 -3.53 -3.31 5.68
C LEU A 48 -3.67 -1.86 6.14
N PRO A 49 -3.22 -1.50 7.35
CA PRO A 49 -3.21 -0.08 7.74
C PRO A 49 -2.34 0.75 6.80
N ILE A 50 -2.86 1.91 6.37
CA ILE A 50 -2.06 2.80 5.56
C ILE A 50 -0.85 3.28 6.34
N THR A 51 -0.98 3.43 7.65
CA THR A 51 0.19 3.88 8.43
C THR A 51 1.27 2.79 8.48
N LEU A 52 0.93 1.52 8.31
CA LEU A 52 2.01 0.53 8.17
C LEU A 52 2.80 0.76 6.88
N ILE A 53 2.11 0.98 5.76
CA ILE A 53 2.80 1.27 4.51
C ILE A 53 3.63 2.53 4.66
N ALA A 54 3.14 3.54 5.36
CA ALA A 54 3.89 4.77 5.52
C ALA A 54 5.22 4.53 6.22
N SER A 55 5.30 3.53 7.09
CA SER A 55 6.52 3.24 7.87
C SER A 55 7.59 2.59 7.01
N PHE A 56 7.24 2.06 5.85
CA PHE A 56 8.24 1.34 5.04
C PHE A 56 9.31 2.29 4.55
N HIS A 57 10.56 1.80 4.56
CA HIS A 57 11.70 2.70 4.37
C HIS A 57 11.60 3.54 3.09
N ARG A 58 11.16 2.92 1.97
CA ARG A 58 11.18 3.68 0.72
C ARG A 58 10.07 4.72 0.64
N VAL A 59 9.00 4.53 1.41
CA VAL A 59 7.98 5.57 1.48
C VAL A 59 8.38 6.65 2.47
N GLN A 60 8.86 6.24 3.66
CA GLN A 60 9.26 7.21 4.64
C GLN A 60 10.39 8.10 4.17
N ALA A 61 11.28 7.58 3.30
CA ALA A 61 12.31 8.43 2.71
C ALA A 61 11.71 9.59 1.94
N LEU A 62 10.60 9.33 1.23
CA LEU A 62 9.95 10.34 0.39
C LEU A 62 9.13 11.34 1.20
N THR A 63 8.42 10.87 2.24
CA THR A 63 7.51 11.75 2.98
C THR A 63 7.12 11.12 4.30
N THR A 64 6.72 11.98 5.24
CA THR A 64 5.97 11.55 6.44
C THR A 64 4.61 12.20 6.49
N ASP A 65 4.16 12.80 5.39
CA ASP A 65 2.89 13.50 5.32
C ASP A 65 1.77 12.51 4.96
N ILE A 66 0.92 12.17 5.94
CA ILE A 66 -0.08 11.14 5.71
C ILE A 66 -1.13 11.59 4.65
N SER A 67 -1.44 12.91 4.58
CA SER A 67 -2.43 13.36 3.58
C SER A 67 -1.89 13.11 2.18
N LEU A 68 -0.57 13.35 2.01
CA LEU A 68 0.07 13.10 0.73
C LEU A 68 0.05 11.63 0.35
N ILE A 69 0.26 10.74 1.30
CA ILE A 69 0.18 9.30 1.04
C ILE A 69 -1.24 8.92 0.63
N PHE A 70 -2.25 9.39 1.36
CA PHE A 70 -3.63 9.09 0.98
C PHE A 70 -3.92 9.64 -0.42
N ALA A 71 -3.48 10.88 -0.70
CA ALA A 71 -3.77 11.46 -2.01
C ALA A 71 -3.08 10.68 -3.12
N ALA A 72 -1.87 10.17 -2.87
CA ALA A 72 -1.20 9.33 -3.87
C ALA A 72 -2.03 8.07 -4.17
N LEU A 73 -2.67 7.47 -3.14
CA LEU A 73 -3.35 6.17 -3.27
C LEU A 73 -4.72 6.38 -3.92
N LYS A 74 -5.32 7.56 -3.77
CA LYS A 74 -6.59 7.81 -4.41
C LYS A 74 -6.37 7.88 -5.90
N ASP A 75 -5.13 8.04 -6.32
CA ASP A 75 -4.78 8.11 -7.74
C ASP A 75 -4.54 6.74 -8.36
N SER A 76 -4.82 5.63 -7.66
CA SER A 76 -4.39 4.31 -8.09
C SER A 76 -5.52 3.39 -8.54
N LYS A 77 -5.32 2.73 -9.70
CA LYS A 77 -6.16 1.62 -10.17
C LYS A 77 -5.75 0.27 -9.56
N VAL A 78 -4.62 0.18 -8.88
CA VAL A 78 -4.11 -1.07 -8.34
C VAL A 78 -4.69 -1.34 -6.96
N VAL A 79 -4.90 -0.30 -6.16
CA VAL A 79 -5.30 -0.45 -4.77
C VAL A 79 -6.64 0.25 -4.51
N GLU A 80 -7.25 -0.12 -3.38
CA GLU A 80 -8.55 0.40 -2.91
C GLU A 80 -8.37 0.81 -1.45
N ILE A 81 -8.78 2.05 -1.11
CA ILE A 81 -8.81 2.54 0.28
C ILE A 81 -10.22 2.43 0.85
N VAL A 82 -10.31 1.92 2.08
CA VAL A 82 -11.52 2.06 2.91
C VAL A 82 -11.05 2.57 4.26
N ASP A 83 -11.55 3.72 4.64
CA ASP A 83 -11.16 4.35 5.89
C ASP A 83 -9.68 4.49 6.01
N GLU A 84 -9.05 3.83 6.98
CA GLU A 84 -7.62 3.94 7.24
C GLU A 84 -6.84 2.78 6.65
N LYS A 85 -7.46 1.96 5.82
CA LYS A 85 -6.79 0.76 5.32
C LYS A 85 -6.78 0.72 3.79
N VAL A 86 -5.86 -0.08 3.25
CA VAL A 86 -5.67 -0.20 1.81
C VAL A 86 -5.49 -1.68 1.45
N ARG A 87 -5.98 -2.03 0.27
CA ARG A 87 -5.78 -3.40 -0.23
C ARG A 87 -5.56 -3.41 -1.74
N ARG A 88 -5.04 -4.54 -2.25
CA ARG A 88 -5.03 -4.76 -3.70
C ARG A 88 -6.46 -4.92 -4.19
N ARG A 89 -6.80 -4.21 -5.27
CA ARG A 89 -8.16 -4.27 -5.79
C ARG A 89 -8.52 -5.66 -6.33
N GLU A 90 -7.61 -6.30 -7.09
CA GLU A 90 -7.90 -7.58 -7.73
C GLU A 90 -7.68 -8.72 -6.77
N GLU A 91 -8.74 -9.60 -6.60
CA GLU A 91 -8.68 -10.79 -5.74
C GLU A 91 -7.92 -10.58 -4.43
N PRO A 92 -8.20 -9.56 -3.64
CA PRO A 92 -7.40 -9.37 -2.43
C PRO A 92 -7.46 -10.53 -1.44
N GLU A 93 -8.54 -11.34 -1.43
CA GLU A 93 -8.67 -12.42 -0.45
C GLU A 93 -7.70 -13.56 -0.69
N LYS A 94 -7.01 -13.57 -1.84
CA LYS A 94 -6.07 -14.65 -2.11
C LYS A 94 -4.75 -14.49 -1.35
N TRP A 95 -4.41 -13.28 -0.87
CA TRP A 95 -3.08 -13.00 -0.35
C TRP A 95 -2.86 -13.09 1.16
N PRO A 96 -3.86 -12.90 2.04
CA PRO A 96 -3.56 -12.91 3.47
C PRO A 96 -2.89 -14.21 3.91
N LEU A 97 -2.01 -14.12 4.90
CA LEU A 97 -1.40 -15.28 5.51
C LEU A 97 -1.56 -15.24 7.02
N PRO A 98 -1.43 -16.40 7.70
CA PRO A 98 -1.39 -16.42 9.16
C PRO A 98 -0.20 -15.63 9.71
N PRO A 99 -0.44 -14.83 10.69
CA PRO A 99 0.59 -14.00 11.36
C PRO A 99 1.89 -14.70 11.81
#